data_3W9Y
#
_entry.id   3W9Y
#
_cell.length_a   65.535
_cell.length_b   65.535
_cell.length_c   180.563
_cell.angle_alpha   90.00
_cell.angle_beta   90.00
_cell.angle_gamma   120.00
#
_symmetry.space_group_name_H-M   'P 65 2 2'
#
loop_
_entity.id
_entity.type
_entity.pdbx_description
1 polymer 'Disks large homolog 1'
2 water water
#
_entity_poly.entity_id   1
_entity_poly.type   'polypeptide(L)'
_entity_poly.pdbx_seq_one_letter_code
;GSSGSSGNYTRPVIILGP(MSE)KDRINDDLISEFPDKFGSCVPHTTRPKRDYEVDGRDYHFVTSREQ(MSE)EKDIQEH
KFIEAGQYNNHLYGTSVQSVREVAEKGKHCILDVSGNAIKRLQIAQLYPISIFIKPKS(MSE)ENI(MSE)E(MSE)NKR
LTEEQARKTFERA(MSE)KLEQEFTEHFTAIVQGDTLEDIYNQVKQIIEEQSGSYIWVPAKEKL
;
_entity_poly.pdbx_strand_id   A
#
# COMPACT_ATOMS: atom_id res chain seq x y z
N ASN A 8 11.02 10.76 -11.90
CA ASN A 8 10.89 9.30 -11.81
C ASN A 8 9.50 8.89 -11.31
N TYR A 9 9.38 8.56 -10.03
CA TYR A 9 8.10 8.16 -9.43
C TYR A 9 8.07 8.32 -7.90
N THR A 10 6.91 8.05 -7.32
CA THR A 10 6.70 8.12 -5.88
C THR A 10 6.57 6.71 -5.29
N ARG A 11 7.22 6.46 -4.16
CA ARG A 11 7.27 5.10 -3.62
C ARG A 11 5.98 4.71 -2.90
N PRO A 12 5.48 3.49 -3.19
CA PRO A 12 4.32 2.96 -2.47
C PRO A 12 4.69 2.87 -1.03
N VAL A 13 3.68 2.87 -0.17
CA VAL A 13 3.89 2.74 1.25
C VAL A 13 3.12 1.52 1.73
N ILE A 14 3.79 0.69 2.53
CA ILE A 14 3.15 -0.50 3.09
C ILE A 14 3.33 -0.50 4.60
N ILE A 15 2.26 -0.24 5.32
CA ILE A 15 2.30 -0.34 6.76
C ILE A 15 1.94 -1.78 7.14
N LEU A 16 2.67 -2.34 8.08
CA LEU A 16 2.38 -3.68 8.58
C LEU A 16 2.14 -3.60 10.07
N GLY A 17 1.59 -4.68 10.64
CA GLY A 17 1.40 -4.79 12.07
C GLY A 17 0.09 -4.20 12.53
N PRO A 18 -0.19 -4.31 13.83
CA PRO A 18 -1.39 -3.68 14.41
C PRO A 18 -1.37 -2.17 14.19
N LYS A 20 -2.23 -0.63 11.42
CA LYS A 20 -1.99 -0.25 10.04
C LYS A 20 -3.24 0.30 9.34
N ASP A 21 -4.42 -0.18 9.74
CA ASP A 21 -5.66 0.30 9.10
C ASP A 21 -5.95 1.73 9.51
N ARG A 22 -5.72 2.04 10.78
CA ARG A 22 -5.90 3.39 11.30
C ARG A 22 -4.85 4.34 10.70
N ILE A 23 -3.62 3.87 10.55
CA ILE A 23 -2.58 4.71 9.97
C ILE A 23 -2.85 4.97 8.50
N ASN A 24 -3.21 3.93 7.76
CA ASN A 24 -3.56 4.10 6.36
C ASN A 24 -4.64 5.15 6.16
N ASP A 25 -5.80 4.93 6.79
CA ASP A 25 -6.93 5.85 6.71
C ASP A 25 -6.52 7.27 7.07
N ASP A 26 -5.72 7.40 8.12
CA ASP A 26 -5.36 8.73 8.59
C ASP A 26 -4.53 9.50 7.55
N LEU A 27 -3.44 8.88 7.09
CA LEU A 27 -2.62 9.43 6.01
C LEU A 27 -3.45 9.85 4.79
N ILE A 28 -4.35 8.98 4.36
CA ILE A 28 -5.12 9.24 3.14
C ILE A 28 -6.05 10.43 3.31
N SER A 29 -6.76 10.47 4.44
CA SER A 29 -7.72 11.55 4.64
C SER A 29 -7.05 12.85 5.07
N GLU A 30 -5.89 12.77 5.73
CA GLU A 30 -5.17 13.99 6.09
C GLU A 30 -4.41 14.60 4.88
N PHE A 31 -3.89 13.75 4.01
CA PHE A 31 -3.10 14.24 2.89
C PHE A 31 -3.52 13.58 1.58
N PRO A 32 -4.71 13.95 1.09
CA PRO A 32 -5.34 13.32 -0.08
C PRO A 32 -4.50 13.41 -1.34
N ASP A 33 -3.72 14.48 -1.50
CA ASP A 33 -2.93 14.57 -2.72
C ASP A 33 -1.54 13.98 -2.60
N LYS A 34 -1.26 13.36 -1.45
CA LYS A 34 0.05 12.72 -1.27
C LYS A 34 -0.06 11.22 -1.15
N PHE A 35 -1.22 10.74 -0.70
CA PHE A 35 -1.49 9.32 -0.53
C PHE A 35 -2.78 8.92 -1.20
N GLY A 36 -2.83 7.69 -1.69
CA GLY A 36 -4.05 7.21 -2.30
C GLY A 36 -3.97 5.72 -2.45
N SER A 37 -5.12 5.10 -2.69
CA SER A 37 -5.18 3.68 -2.95
C SER A 37 -5.26 3.46 -4.45
N CYS A 38 -4.86 2.27 -4.87
CA CYS A 38 -4.96 1.92 -6.27
C CYS A 38 -6.22 1.09 -6.49
N VAL A 39 -6.58 0.91 -7.76
CA VAL A 39 -7.77 0.17 -8.17
C VAL A 39 -7.49 -1.31 -8.44
N PRO A 40 -7.98 -2.19 -7.56
CA PRO A 40 -7.75 -3.63 -7.73
C PRO A 40 -8.59 -4.18 -8.88
N HIS A 41 -8.22 -5.34 -9.41
CA HIS A 41 -9.06 -6.03 -10.39
C HIS A 41 -9.87 -7.06 -9.64
N THR A 42 -11.08 -7.33 -10.13
CA THR A 42 -11.86 -8.44 -9.63
C THR A 42 -12.74 -9.04 -10.71
N THR A 43 -13.02 -10.34 -10.60
CA THR A 43 -14.00 -10.97 -11.48
C THR A 43 -15.39 -11.06 -10.86
N ARG A 44 -15.58 -10.57 -9.64
CA ARG A 44 -16.90 -10.55 -8.97
C ARG A 44 -17.90 -9.57 -9.62
N PRO A 45 -19.19 -9.87 -9.49
CA PRO A 45 -20.20 -8.93 -10.01
C PRO A 45 -20.06 -7.59 -9.30
N LYS A 46 -20.57 -6.54 -9.92
CA LYS A 46 -20.53 -5.25 -9.28
C LYS A 46 -21.85 -4.93 -8.60
N ARG A 47 -21.77 -4.10 -7.57
CA ARG A 47 -22.94 -3.51 -6.99
C ARG A 47 -23.30 -2.28 -7.80
N ASP A 48 -24.55 -1.85 -7.66
CA ASP A 48 -25.10 -0.73 -8.43
C ASP A 48 -24.32 0.56 -8.28
N TYR A 49 -24.03 0.95 -7.06
CA TYR A 49 -23.34 2.21 -6.83
C TYR A 49 -21.86 2.18 -7.21
N GLU A 50 -21.29 0.99 -7.40
CA GLU A 50 -19.88 0.86 -7.76
C GLU A 50 -19.61 1.29 -9.19
N VAL A 51 -18.43 1.83 -9.45
CA VAL A 51 -18.07 2.30 -10.79
C VAL A 51 -16.81 1.59 -11.29
N ASP A 52 -16.95 0.96 -12.46
CA ASP A 52 -15.85 0.27 -13.12
C ASP A 52 -14.72 1.24 -13.40
N GLY A 53 -13.54 0.99 -12.81
CA GLY A 53 -12.39 1.85 -13.04
C GLY A 53 -12.09 2.76 -11.87
N ARG A 54 -13.03 2.85 -10.92
CA ARG A 54 -12.85 3.70 -9.76
C ARG A 54 -12.79 2.85 -8.50
N ASP A 55 -13.75 1.95 -8.36
CA ASP A 55 -13.81 1.07 -7.20
C ASP A 55 -12.99 -0.19 -7.46
N TYR A 56 -13.27 -0.81 -8.61
CA TYR A 56 -12.55 -1.99 -9.05
C TYR A 56 -12.44 -1.90 -10.55
N HIS A 57 -11.49 -2.63 -11.11
CA HIS A 57 -11.50 -2.92 -12.53
C HIS A 57 -12.29 -4.22 -12.66
N PHE A 58 -13.56 -4.11 -13.04
CA PHE A 58 -14.38 -5.32 -13.18
C PHE A 58 -14.03 -6.08 -14.43
N VAL A 59 -13.51 -7.27 -14.24
CA VAL A 59 -13.02 -8.09 -15.34
C VAL A 59 -14.07 -9.11 -15.67
N THR A 60 -14.35 -9.32 -16.96
CA THR A 60 -15.43 -10.20 -17.38
C THR A 60 -14.91 -11.59 -17.74
N SER A 61 -13.67 -11.65 -18.22
CA SER A 61 -13.07 -12.94 -18.55
C SER A 61 -12.21 -13.49 -17.41
N ARG A 62 -12.76 -14.45 -16.66
CA ARG A 62 -11.98 -15.12 -15.64
C ARG A 62 -10.74 -15.81 -16.24
N GLU A 63 -10.89 -16.36 -17.44
CA GLU A 63 -9.76 -16.97 -18.14
C GLU A 63 -8.63 -15.98 -18.27
N GLN A 64 -8.94 -14.77 -18.72
CA GLN A 64 -7.91 -13.76 -18.95
C GLN A 64 -7.25 -13.34 -17.64
N GLU A 66 -6.91 -15.24 -14.96
CA GLU A 66 -6.02 -16.34 -14.60
C GLU A 66 -4.72 -16.27 -15.41
N LYS A 67 -4.83 -15.82 -16.65
CA LYS A 67 -3.69 -15.73 -17.53
C LYS A 67 -2.74 -14.63 -17.04
N ASP A 68 -3.30 -13.48 -16.70
CA ASP A 68 -2.49 -12.35 -16.25
C ASP A 68 -1.86 -12.64 -14.90
N ILE A 69 -2.59 -13.38 -14.07
CA ILE A 69 -2.03 -13.82 -12.78
C ILE A 69 -0.81 -14.76 -12.97
N GLN A 70 -0.96 -15.74 -13.84
CA GLN A 70 0.13 -16.68 -14.09
C GLN A 70 1.32 -16.02 -14.78
N GLU A 71 1.08 -14.88 -15.42
CA GLU A 71 2.12 -14.13 -16.10
C GLU A 71 2.62 -12.93 -15.28
N HIS A 72 2.28 -12.92 -13.98
CA HIS A 72 2.86 -11.99 -13.01
C HIS A 72 2.48 -10.53 -13.18
N LYS A 73 1.26 -10.27 -13.64
CA LYS A 73 0.80 -8.89 -13.72
C LYS A 73 0.41 -8.36 -12.34
N PHE A 74 0.32 -9.23 -11.35
CA PHE A 74 -0.18 -8.80 -10.04
C PHE A 74 0.86 -8.95 -8.95
N ILE A 75 0.92 -7.99 -8.02
CA ILE A 75 1.82 -8.13 -6.88
C ILE A 75 1.17 -8.95 -5.78
N GLU A 76 -0.16 -9.01 -5.83
CA GLU A 76 -0.96 -9.76 -4.88
C GLU A 76 -2.25 -10.15 -5.59
N ALA A 77 -2.60 -11.42 -5.48
CA ALA A 77 -3.79 -11.95 -6.11
C ALA A 77 -4.24 -13.18 -5.34
N GLY A 78 -5.53 -13.48 -5.42
CA GLY A 78 -6.14 -14.54 -4.62
C GLY A 78 -7.60 -14.76 -4.95
N GLN A 79 -8.18 -15.74 -4.27
CA GLN A 79 -9.58 -16.11 -4.46
C GLN A 79 -10.35 -15.85 -3.16
N TYR A 80 -11.56 -15.29 -3.30
CA TYR A 80 -12.42 -14.92 -2.18
C TYR A 80 -13.89 -15.05 -2.65
N ASN A 81 -14.70 -15.83 -1.94
CA ASN A 81 -16.04 -16.18 -2.43
C ASN A 81 -16.07 -16.65 -3.86
N ASN A 82 -15.09 -17.47 -4.26
CA ASN A 82 -15.06 -17.99 -5.64
C ASN A 82 -14.82 -16.95 -6.74
N HIS A 83 -14.43 -15.76 -6.37
CA HIS A 83 -14.03 -14.80 -7.40
C HIS A 83 -12.57 -14.48 -7.23
N LEU A 84 -11.93 -14.13 -8.33
CA LEU A 84 -10.54 -13.74 -8.24
C LEU A 84 -10.44 -12.26 -7.98
N TYR A 85 -9.41 -11.88 -7.22
CA TYR A 85 -9.08 -10.49 -6.95
C TYR A 85 -7.57 -10.31 -7.17
N GLY A 86 -7.15 -9.08 -7.44
CA GLY A 86 -5.73 -8.85 -7.60
C GLY A 86 -5.36 -7.39 -7.60
N THR A 87 -4.22 -7.08 -6.99
CA THR A 87 -3.65 -5.74 -7.08
C THR A 87 -2.53 -5.73 -8.12
N SER A 88 -2.74 -4.97 -9.20
CA SER A 88 -1.82 -5.07 -10.32
C SER A 88 -0.68 -4.05 -10.26
N VAL A 89 0.45 -4.43 -10.85
CA VAL A 89 1.58 -3.54 -10.98
C VAL A 89 1.14 -2.27 -11.64
N GLN A 90 0.41 -2.40 -12.73
CA GLN A 90 -0.03 -1.23 -13.48
C GLN A 90 -0.83 -0.28 -12.58
N SER A 91 -1.76 -0.82 -11.80
CA SER A 91 -2.57 0.01 -10.89
C SER A 91 -1.73 0.76 -9.87
N VAL A 92 -0.75 0.06 -9.28
CA VAL A 92 0.15 0.74 -8.35
C VAL A 92 0.96 1.82 -9.07
N ARG A 93 1.45 1.48 -10.26
CA ARG A 93 2.16 2.45 -11.09
C ARG A 93 1.31 3.67 -11.47
N GLU A 94 -0.01 3.50 -11.62
CA GLU A 94 -0.85 4.62 -12.04
C GLU A 94 -1.04 5.64 -10.92
N VAL A 95 -0.99 5.18 -9.68
CA VAL A 95 -0.96 6.08 -8.54
C VAL A 95 0.43 6.71 -8.38
N ALA A 96 1.47 5.89 -8.53
CA ALA A 96 2.84 6.35 -8.34
C ALA A 96 3.22 7.54 -9.24
N GLU A 97 2.95 7.40 -10.53
CA GLU A 97 3.25 8.43 -11.52
C GLU A 97 2.48 9.73 -11.33
N LYS A 98 1.34 9.66 -10.65
CA LYS A 98 0.54 10.84 -10.38
C LYS A 98 1.07 11.56 -9.14
N GLY A 99 2.17 11.04 -8.59
CA GLY A 99 2.88 11.72 -7.52
C GLY A 99 2.44 11.40 -6.09
N LYS A 100 1.80 10.25 -5.91
CA LYS A 100 1.25 9.91 -4.60
C LYS A 100 1.79 8.59 -4.09
N HIS A 101 2.00 8.50 -2.79
CA HIS A 101 2.36 7.24 -2.20
C HIS A 101 1.15 6.31 -2.27
N CYS A 102 1.31 5.18 -2.93
CA CYS A 102 0.25 4.22 -3.00
C CYS A 102 0.21 3.44 -1.70
N ILE A 103 -0.83 3.69 -0.91
CA ILE A 103 -1.02 2.98 0.32
C ILE A 103 -1.44 1.59 -0.07
N LEU A 104 -0.75 0.57 0.44
CA LEU A 104 -1.04 -0.80 0.09
C LEU A 104 -1.22 -1.65 1.32
N ASP A 105 -2.25 -2.49 1.33
CA ASP A 105 -2.45 -3.48 2.38
C ASP A 105 -2.22 -4.84 1.77
N VAL A 106 -0.95 -5.27 1.78
CA VAL A 106 -0.58 -6.55 1.18
C VAL A 106 0.41 -7.32 2.07
N SER A 107 0.67 -8.58 1.73
CA SER A 107 1.58 -9.40 2.50
C SER A 107 3.05 -9.03 2.23
N GLY A 108 3.93 -9.45 3.14
CA GLY A 108 5.35 -9.24 3.00
C GLY A 108 5.90 -9.69 1.66
N ASN A 109 5.37 -10.80 1.14
CA ASN A 109 5.83 -11.33 -0.14
C ASN A 109 5.65 -10.36 -1.30
N ALA A 110 4.69 -9.43 -1.15
CA ALA A 110 4.49 -8.42 -2.17
C ALA A 110 5.63 -7.39 -2.22
N ILE A 111 6.32 -7.20 -1.10
CA ILE A 111 7.40 -6.22 -1.03
C ILE A 111 8.47 -6.49 -2.10
N LYS A 112 8.91 -7.74 -2.17
CA LYS A 112 9.96 -8.11 -3.11
C LYS A 112 9.47 -7.87 -4.52
N ARG A 113 8.24 -8.30 -4.79
CA ARG A 113 7.66 -8.14 -6.13
C ARG A 113 7.63 -6.69 -6.55
N LEU A 114 7.25 -5.79 -5.65
CA LEU A 114 7.23 -4.38 -5.99
C LEU A 114 8.66 -3.90 -6.24
N GLN A 115 9.61 -4.39 -5.43
CA GLN A 115 11.01 -4.00 -5.61
C GLN A 115 11.46 -4.39 -7.01
N ILE A 116 11.22 -5.65 -7.36
CA ILE A 116 11.58 -6.16 -8.68
C ILE A 116 10.85 -5.38 -9.77
N ALA A 117 9.57 -5.04 -9.54
CA ALA A 117 8.87 -4.20 -10.52
C ALA A 117 9.38 -2.75 -10.55
N GLN A 118 10.42 -2.45 -9.78
CA GLN A 118 10.95 -1.10 -9.68
C GLN A 118 9.96 -0.07 -9.12
N LEU A 119 9.09 -0.50 -8.23
CA LEU A 119 8.28 0.42 -7.45
C LEU A 119 8.70 0.18 -6.02
N TYR A 120 9.88 0.67 -5.65
CA TYR A 120 10.49 0.27 -4.40
C TYR A 120 9.72 0.82 -3.21
N PRO A 121 9.11 -0.09 -2.45
CA PRO A 121 8.20 0.33 -1.38
C PRO A 121 8.91 0.79 -0.12
N ILE A 122 8.38 1.84 0.51
CA ILE A 122 8.70 2.13 1.90
C ILE A 122 7.85 1.20 2.77
N SER A 123 8.49 0.23 3.41
CA SER A 123 7.77 -0.72 4.25
C SER A 123 8.00 -0.47 5.74
N ILE A 124 6.92 -0.19 6.45
CA ILE A 124 7.04 0.13 7.87
C ILE A 124 6.24 -0.83 8.75
N PHE A 125 6.95 -1.56 9.60
CA PHE A 125 6.33 -2.47 10.54
C PHE A 125 6.15 -1.80 11.90
N ILE A 126 4.91 -1.70 12.36
CA ILE A 126 4.62 -1.10 13.66
C ILE A 126 4.59 -2.22 14.69
N LYS A 127 5.67 -2.34 15.45
CA LYS A 127 5.86 -3.45 16.39
C LYS A 127 5.29 -3.15 17.79
N PRO A 128 4.29 -3.93 18.22
CA PRO A 128 3.63 -3.74 19.51
C PRO A 128 4.57 -3.91 20.71
N LYS A 129 4.22 -3.24 21.80
CA LYS A 129 4.89 -3.40 23.08
C LYS A 129 4.05 -4.33 23.94
N SER A 130 3.41 -5.29 23.27
CA SER A 130 2.57 -6.31 23.91
C SER A 130 1.29 -5.82 24.58
N PHE A 150 -2.20 -10.85 18.06
CA PHE A 150 -0.89 -10.42 18.56
C PHE A 150 0.25 -11.32 18.07
N GLU A 151 0.21 -12.59 18.44
CA GLU A 151 1.27 -13.54 18.07
C GLU A 151 1.53 -13.57 16.57
N ARG A 152 0.50 -13.24 15.79
CA ARG A 152 0.61 -13.07 14.36
C ARG A 152 1.67 -12.02 14.02
N ALA A 153 1.74 -10.98 14.85
CA ALA A 153 2.69 -9.89 14.62
C ALA A 153 4.13 -10.30 14.95
N LYS A 155 5.54 -13.39 14.58
CA LYS A 155 6.10 -14.22 13.51
C LYS A 155 6.26 -13.44 12.22
N LEU A 156 5.40 -12.45 12.02
CA LEU A 156 5.49 -11.58 10.85
C LEU A 156 6.82 -10.84 10.87
N GLU A 157 7.20 -10.37 12.05
CA GLU A 157 8.45 -9.67 12.23
C GLU A 157 9.63 -10.59 11.95
N GLN A 158 9.51 -11.84 12.35
CA GLN A 158 10.61 -12.79 12.16
C GLN A 158 10.74 -13.18 10.70
N GLU A 159 9.64 -13.12 9.96
CA GLU A 159 9.61 -13.54 8.56
C GLU A 159 10.11 -12.49 7.56
N PHE A 160 9.72 -11.23 7.77
CA PHE A 160 10.11 -10.20 6.82
C PHE A 160 10.99 -9.10 7.42
N THR A 161 11.67 -9.44 8.52
CA THR A 161 12.60 -8.53 9.16
C THR A 161 13.58 -7.90 8.17
N GLU A 162 14.07 -8.70 7.22
CA GLU A 162 15.08 -8.24 6.29
C GLU A 162 14.50 -7.32 5.22
N HIS A 163 13.17 -7.31 5.10
CA HIS A 163 12.53 -6.53 4.05
C HIS A 163 11.95 -5.18 4.51
N PHE A 164 12.01 -4.91 5.82
CA PHE A 164 11.41 -3.67 6.38
C PHE A 164 12.31 -2.44 6.18
N THR A 165 11.74 -1.37 5.65
CA THR A 165 12.41 -0.08 5.65
C THR A 165 12.66 0.35 7.09
N ALA A 166 11.68 0.15 7.96
CA ALA A 166 11.85 0.57 9.36
C ALA A 166 10.90 -0.14 10.31
N ILE A 167 11.21 -0.03 11.60
CA ILE A 167 10.33 -0.53 12.64
C ILE A 167 9.97 0.62 13.55
N VAL A 168 8.68 0.84 13.77
CA VAL A 168 8.21 1.90 14.64
C VAL A 168 7.54 1.32 15.88
N GLN A 169 7.97 1.77 17.05
CA GLN A 169 7.26 1.45 18.28
C GLN A 169 6.85 2.75 18.96
N GLY A 170 5.70 2.73 19.63
CA GLY A 170 5.21 3.91 20.29
C GLY A 170 4.23 3.59 21.37
N ASP A 171 4.06 4.54 22.30
CA ASP A 171 3.10 4.37 23.37
C ASP A 171 1.76 4.96 22.95
N THR A 172 1.79 6.15 22.36
CA THR A 172 0.59 6.77 21.85
C THR A 172 0.45 6.54 20.35
N LEU A 173 -0.77 6.67 19.84
CA LEU A 173 -1.02 6.54 18.41
C LEU A 173 -0.61 7.79 17.63
N GLU A 174 -0.67 8.94 18.29
CA GLU A 174 -0.16 10.18 17.70
C GLU A 174 1.35 10.09 17.50
N ASP A 175 2.04 9.56 18.52
CA ASP A 175 3.47 9.39 18.45
C ASP A 175 3.85 8.45 17.30
N ILE A 176 3.21 7.28 17.26
CA ILE A 176 3.38 6.32 16.18
C ILE A 176 3.14 6.94 14.80
N TYR A 177 2.10 7.76 14.69
CA TYR A 177 1.71 8.35 13.42
C TYR A 177 2.77 9.32 12.93
N ASN A 178 3.26 10.20 13.80
CA ASN A 178 4.29 11.15 13.42
C ASN A 178 5.63 10.48 13.04
N GLN A 179 6.00 9.42 13.76
CA GLN A 179 7.16 8.63 13.38
C GLN A 179 6.99 8.12 11.96
N VAL A 180 5.84 7.49 11.69
CA VAL A 180 5.54 7.00 10.35
C VAL A 180 5.71 8.09 9.29
N LYS A 181 5.03 9.22 9.48
CA LYS A 181 5.14 10.33 8.53
C LYS A 181 6.59 10.79 8.34
N GLN A 182 7.35 10.84 9.43
CA GLN A 182 8.75 11.29 9.37
C GLN A 182 9.64 10.32 8.57
N ILE A 183 9.40 9.03 8.70
CA ILE A 183 10.11 8.03 7.91
C ILE A 183 9.82 8.16 6.42
N ILE A 184 8.55 8.36 6.09
CA ILE A 184 8.13 8.55 4.71
C ILE A 184 8.83 9.77 4.13
N GLU A 185 8.92 10.82 4.94
CA GLU A 185 9.61 12.05 4.57
C GLU A 185 11.08 11.75 4.21
N GLU A 186 11.80 11.19 5.17
CA GLU A 186 13.21 10.85 5.01
C GLU A 186 13.49 9.98 3.78
N GLN A 187 12.64 8.97 3.57
CA GLN A 187 12.90 7.94 2.57
C GLN A 187 12.49 8.32 1.16
N SER A 188 11.55 9.24 1.03
CA SER A 188 11.05 9.60 -0.28
C SER A 188 11.79 10.80 -0.85
N GLY A 189 12.44 11.56 0.03
CA GLY A 189 13.18 12.74 -0.39
C GLY A 189 12.26 13.90 -0.74
N SER A 190 10.99 13.77 -0.38
CA SER A 190 10.00 14.82 -0.63
C SER A 190 9.09 15.07 0.60
N TYR A 191 8.91 16.32 0.98
CA TYR A 191 8.07 16.63 2.15
C TYR A 191 6.60 16.31 1.89
N ILE A 192 5.98 15.64 2.85
CA ILE A 192 4.53 15.45 2.80
C ILE A 192 3.81 16.77 2.98
N TRP A 193 4.15 17.46 4.07
CA TRP A 193 3.46 18.68 4.49
C TRP A 193 4.49 19.75 4.89
N VAL A 194 4.17 21.00 4.62
CA VAL A 194 5.11 22.09 4.90
C VAL A 194 4.35 23.23 5.58
N PRO A 195 4.78 23.61 6.79
CA PRO A 195 4.14 24.75 7.46
C PRO A 195 4.13 25.98 6.55
N ALA A 196 3.01 26.70 6.57
CA ALA A 196 2.77 27.79 5.63
C ALA A 196 3.95 28.75 5.62
N LYS A 197 4.42 29.10 6.80
CA LYS A 197 5.50 30.08 6.90
C LYS A 197 6.85 29.51 6.43
N GLU A 198 6.94 28.20 6.36
CA GLU A 198 8.19 27.56 5.98
C GLU A 198 8.26 27.34 4.48
N LYS A 199 7.27 27.89 3.76
CA LYS A 199 7.16 27.74 2.32
C LYS A 199 7.87 28.88 1.62
N LEU A 200 9.17 29.00 1.83
CA LEU A 200 9.89 30.11 1.20
C LEU A 200 11.19 29.69 0.51
#